data_8AA7
#
_entry.id   8AA7
#
_cell.length_a   80.241
_cell.length_b   106.412
_cell.length_c   105.677
_cell.angle_alpha   90.000
_cell.angle_beta   90.000
_cell.angle_gamma   90.000
#
_symmetry.space_group_name_H-M   'C 2 2 21'
#
loop_
_entity.id
_entity.type
_entity.pdbx_description
1 polymer 'Cytochrome P450 protein'
2 non-polymer 2,3,4,9-tetrahydro-1~{H}-pyrido[3,4-b]indole
3 non-polymer 'PROTOPORPHYRIN IX CONTAINING FE'
4 water water
#
_entity_poly.entity_id   1
_entity_poly.type   'polypeptide(L)'
_entity_poly.pdbx_seq_one_letter_code
;GSLKVYNSIFDQAYEIDPIPYFNFLRKHDPVHYEESIDAYFVSKYKDVKYILKNNDIFNTKTLAKRAEPVMKDRVLAQMS
GQEHKSKKKAILKGMTGKYLENLMPILEKRTNDIINKHIEKKEIDIVNDFGKVFAVQSSMDLLGINLENYEKIREWHNGI
AKFITSFNLNDEEIKYSLECSDKLENYLMPLIKDRKKSTKDDLISILLEYKNDENSISDTEILALSLNVLLAATEPVDKT
LAYLFYNLLKNPEQFESVKNNPKLIKNAIIETLRYNSPVQLIPRQVSKPFIFNNTELQAGDTVICMIGSANRDPEAYSNP
DEFNIHRSSDNKSPFTSHSQNLSFGTGVHTCVGASFSLIQLEMVAILLLKRLKNIKLKTMEITEHGIYTRGPKSMVISFD
;
_entity_poly.pdbx_strand_id   A
#
# COMPACT_ATOMS: atom_id res chain seq x y z
N LEU A 3 27.70 19.35 8.70
CA LEU A 3 26.52 19.14 7.87
C LEU A 3 25.96 20.46 7.36
N LYS A 4 25.71 20.54 6.05
CA LYS A 4 25.09 21.74 5.49
C LYS A 4 23.64 21.87 5.96
N VAL A 5 22.92 20.74 6.03
CA VAL A 5 21.53 20.69 6.48
C VAL A 5 21.43 19.76 7.68
N TYR A 6 20.49 20.07 8.55
CA TYR A 6 20.34 19.38 9.81
C TYR A 6 19.02 18.66 10.00
N ASN A 7 18.07 18.78 9.08
CA ASN A 7 16.79 18.07 9.16
C ASN A 7 16.91 16.84 8.27
N SER A 8 16.92 15.65 8.88
CA SER A 8 17.10 14.40 8.15
C SER A 8 15.85 13.54 8.26
N ILE A 9 15.49 12.88 7.15
CA ILE A 9 14.42 11.89 7.15
C ILE A 9 14.65 10.84 8.23
N PHE A 10 15.91 10.60 8.58
CA PHE A 10 16.23 9.52 9.50
C PHE A 10 16.39 9.99 10.93
N ASP A 11 16.12 11.26 11.19
CA ASP A 11 16.02 11.72 12.57
C ASP A 11 14.93 10.93 13.27
N GLN A 12 15.13 10.64 14.56
CA GLN A 12 14.11 9.91 15.32
C GLN A 12 12.76 10.60 15.27
N ALA A 13 12.77 11.94 15.34
CA ALA A 13 11.53 12.69 15.36
C ALA A 13 10.68 12.45 14.10
N TYR A 14 11.31 12.10 12.97
CA TYR A 14 10.54 12.01 11.73
C TYR A 14 9.54 10.86 11.77
N GLU A 15 9.99 9.66 12.12
CA GLU A 15 9.05 8.54 12.18
C GLU A 15 7.95 8.76 13.20
N ILE A 16 8.23 9.55 14.24
CA ILE A 16 7.22 9.82 15.26
C ILE A 16 6.13 10.73 14.70
N ASP A 17 6.54 11.78 14.02
CA ASP A 17 5.61 12.72 13.41
C ASP A 17 6.34 13.39 12.24
N PRO A 18 6.11 12.94 11.01
CA PRO A 18 6.78 13.53 9.83
C PRO A 18 6.15 14.81 9.30
N ILE A 19 4.96 15.19 9.77
CA ILE A 19 4.29 16.36 9.18
C ILE A 19 5.15 17.59 9.23
N PRO A 20 5.77 17.97 10.36
CA PRO A 20 6.64 19.15 10.35
C PRO A 20 7.78 19.04 9.36
N TYR A 21 8.24 17.81 9.11
CA TYR A 21 9.26 17.58 8.10
C TYR A 21 8.69 17.85 6.71
N PHE A 22 7.47 17.35 6.43
CA PHE A 22 6.85 17.66 5.14
C PHE A 22 6.87 19.16 4.90
N ASN A 23 6.38 19.93 5.89
CA ASN A 23 6.23 21.38 5.73
C ASN A 23 7.57 22.03 5.50
N PHE A 24 8.59 21.57 6.23
CA PHE A 24 9.92 22.16 6.10
C PHE A 24 10.51 21.85 4.73
N LEU A 25 10.46 20.59 4.31
CA LEU A 25 11.10 20.17 3.07
C LEU A 25 10.46 20.83 1.85
N ARG A 26 9.13 20.88 1.82
CA ARG A 26 8.46 21.48 0.68
C ARG A 26 8.87 22.93 0.50
N LYS A 27 9.00 23.66 1.61
CA LYS A 27 9.27 25.09 1.58
C LYS A 27 10.75 25.40 1.45
N HIS A 28 11.63 24.60 2.04
CA HIS A 28 13.05 24.95 2.06
C HIS A 28 13.98 23.96 1.38
N ASP A 29 13.55 22.75 1.10
CA ASP A 29 14.44 21.80 0.42
C ASP A 29 13.61 20.76 -0.32
N PRO A 30 12.94 21.14 -1.42
CA PRO A 30 11.98 20.22 -2.07
C PRO A 30 12.64 18.97 -2.65
N VAL A 31 13.94 18.99 -2.95
CA VAL A 31 14.66 17.82 -3.46
C VAL A 31 15.85 17.65 -2.52
N HIS A 32 15.66 16.82 -1.49
CA HIS A 32 16.47 16.81 -0.27
C HIS A 32 17.36 15.57 -0.24
N TYR A 33 18.67 15.78 -0.16
CA TYR A 33 19.65 14.69 -0.24
C TYR A 33 19.86 14.06 1.13
N GLU A 34 19.86 12.72 1.16
CA GLU A 34 20.16 11.94 2.37
C GLU A 34 21.36 11.03 2.08
N GLU A 35 22.52 11.39 2.64
CA GLU A 35 23.75 10.69 2.29
C GLU A 35 23.70 9.24 2.75
N SER A 36 22.98 8.95 3.84
CA SER A 36 23.05 7.62 4.43
C SER A 36 22.55 6.54 3.46
N ILE A 37 21.68 6.90 2.51
CA ILE A 37 21.19 6.00 1.48
C ILE A 37 21.43 6.54 0.08
N ASP A 38 22.10 7.69 -0.06
CA ASP A 38 22.45 8.26 -1.36
C ASP A 38 21.22 8.39 -2.25
N ALA A 39 20.25 9.15 -1.76
CA ALA A 39 18.98 9.32 -2.44
C ALA A 39 18.46 10.70 -2.12
N TYR A 40 17.63 11.23 -3.03
CA TYR A 40 17.00 12.53 -2.85
C TYR A 40 15.51 12.33 -2.56
N PHE A 41 14.99 13.07 -1.59
CA PHE A 41 13.58 12.96 -1.19
C PHE A 41 12.83 14.15 -1.77
N VAL A 42 11.75 13.86 -2.52
CA VAL A 42 10.95 14.83 -3.27
C VAL A 42 9.61 15.00 -2.56
N SER A 43 9.35 16.23 -2.08
CA SER A 43 8.29 16.48 -1.14
C SER A 43 7.08 17.21 -1.71
N LYS A 44 7.22 17.84 -2.89
CA LYS A 44 6.15 18.64 -3.45
C LYS A 44 5.28 17.86 -4.44
N TYR A 45 3.99 18.17 -4.44
CA TYR A 45 3.04 17.47 -5.29
C TYR A 45 3.44 17.59 -6.76
N LYS A 46 3.76 18.80 -7.18
CA LYS A 46 4.07 19.02 -8.59
C LYS A 46 5.27 18.19 -9.03
N ASP A 47 6.33 18.13 -8.20
CA ASP A 47 7.53 17.41 -8.61
C ASP A 47 7.33 15.89 -8.54
N VAL A 48 6.64 15.41 -7.49
CA VAL A 48 6.28 13.98 -7.43
C VAL A 48 5.46 13.59 -8.65
N LYS A 49 4.47 14.40 -8.99
CA LYS A 49 3.63 14.09 -10.15
C LYS A 49 4.46 14.02 -11.41
N TYR A 50 5.35 14.99 -11.59
CA TYR A 50 6.20 15.01 -12.77
C TYR A 50 7.04 13.76 -12.81
N ILE A 51 7.68 13.43 -11.70
CA ILE A 51 8.53 12.24 -11.69
C ILE A 51 7.73 11.01 -12.10
N LEU A 52 6.54 10.83 -11.50
CA LEU A 52 5.79 9.59 -11.75
C LEU A 52 5.22 9.56 -13.17
N LYS A 53 4.94 10.71 -13.75
CA LYS A 53 4.37 10.78 -15.09
C LYS A 53 5.43 10.69 -16.18
N ASN A 54 6.72 10.68 -15.83
CA ASN A 54 7.78 10.65 -16.84
C ASN A 54 8.65 9.44 -16.55
N ASN A 55 8.17 8.28 -17.01
CA ASN A 55 8.84 7.00 -16.74
C ASN A 55 10.14 6.89 -17.51
N ASP A 56 10.31 7.65 -18.59
CA ASP A 56 11.57 7.60 -19.32
C ASP A 56 12.70 8.28 -18.57
N ILE A 57 12.40 9.39 -17.87
CA ILE A 57 13.46 10.08 -17.13
C ILE A 57 13.68 9.45 -15.76
N PHE A 58 12.62 8.99 -15.10
CA PHE A 58 12.70 8.35 -13.78
C PHE A 58 12.11 6.94 -13.91
N ASN A 59 12.97 5.93 -13.94
CA ASN A 59 12.57 4.56 -14.21
C ASN A 59 12.55 3.76 -12.90
N THR A 60 12.07 2.53 -13.01
CA THR A 60 11.82 1.68 -11.86
C THR A 60 12.94 0.66 -11.62
N LYS A 61 14.12 0.87 -12.21
CA LYS A 61 15.21 -0.08 -12.01
C LYS A 61 15.70 -0.12 -10.57
N THR A 62 15.29 0.84 -9.73
CA THR A 62 15.63 0.78 -8.32
C THR A 62 15.03 -0.45 -7.66
N LEU A 63 13.83 -0.84 -8.09
CA LEU A 63 13.12 -1.96 -7.49
C LEU A 63 13.78 -3.30 -7.78
N ALA A 64 14.87 -3.34 -8.55
CA ALA A 64 15.55 -4.61 -8.81
C ALA A 64 16.44 -5.01 -7.65
N LYS A 65 17.16 -4.04 -7.05
CA LYS A 65 18.01 -4.35 -5.92
C LYS A 65 17.23 -4.32 -4.61
N ARG A 66 16.11 -3.61 -4.56
CA ARG A 66 15.33 -3.47 -3.33
C ARG A 66 14.28 -4.57 -3.15
N ALA A 67 13.88 -5.23 -4.22
CA ALA A 67 12.78 -6.20 -4.14
C ALA A 67 13.14 -7.57 -4.68
N GLU A 68 13.94 -7.64 -5.75
CA GLU A 68 14.15 -8.93 -6.40
C GLU A 68 14.83 -9.98 -5.52
N PRO A 69 15.71 -9.65 -4.57
CA PRO A 69 16.34 -10.73 -3.78
C PRO A 69 15.34 -11.58 -3.03
N VAL A 70 14.17 -11.04 -2.68
CA VAL A 70 13.13 -11.82 -2.00
C VAL A 70 11.97 -12.19 -2.92
N MET A 71 11.81 -11.51 -4.06
CA MET A 71 10.74 -11.87 -5.00
C MET A 71 11.11 -13.05 -5.86
N LYS A 72 12.42 -13.37 -5.95
CA LYS A 72 12.95 -14.50 -6.69
C LYS A 72 12.91 -14.40 -8.21
N ASP A 73 12.19 -13.39 -8.69
CA ASP A 73 12.17 -13.13 -10.13
C ASP A 73 11.64 -11.71 -10.36
N ARG A 74 11.43 -11.35 -11.63
CA ARG A 74 11.07 -9.98 -11.97
C ARG A 74 9.67 -9.66 -11.46
N VAL A 75 9.52 -8.44 -10.99
CA VAL A 75 8.24 -7.92 -10.53
C VAL A 75 7.64 -7.03 -11.62
N LEU A 76 6.31 -6.82 -11.53
CA LEU A 76 5.63 -6.03 -12.54
C LEU A 76 6.24 -4.65 -12.71
N ALA A 77 6.78 -4.07 -11.62
CA ALA A 77 7.36 -2.74 -11.68
C ALA A 77 8.55 -2.68 -12.64
N GLN A 78 9.34 -3.76 -12.70
CA GLN A 78 10.53 -3.78 -13.54
C GLN A 78 10.21 -3.87 -15.03
N MET A 79 8.98 -4.16 -15.39
CA MET A 79 8.63 -4.41 -16.78
C MET A 79 8.23 -3.12 -17.47
N SER A 80 8.25 -3.15 -18.80
CA SER A 80 7.93 -1.97 -19.59
C SER A 80 7.23 -2.39 -20.87
N GLY A 81 6.69 -1.40 -21.58
CA GLY A 81 6.11 -1.65 -22.89
C GLY A 81 4.90 -2.56 -22.86
N GLN A 82 4.77 -3.36 -23.92
CA GLN A 82 3.59 -4.22 -24.04
C GLN A 82 3.59 -5.32 -23.00
N GLU A 83 4.76 -5.79 -22.58
CA GLU A 83 4.82 -6.80 -21.54
C GLU A 83 4.19 -6.29 -20.24
N HIS A 84 4.63 -5.12 -19.78
CA HIS A 84 4.06 -4.55 -18.56
C HIS A 84 2.56 -4.34 -18.73
N LYS A 85 2.15 -3.87 -19.90
CA LYS A 85 0.73 -3.57 -20.11
C LYS A 85 -0.11 -4.85 -20.11
N SER A 86 0.37 -5.89 -20.78
CA SER A 86 -0.40 -7.13 -20.87
C SER A 86 -0.48 -7.83 -19.53
N LYS A 87 0.65 -7.90 -18.83
CA LYS A 87 0.68 -8.62 -17.56
C LYS A 87 -0.05 -7.84 -16.48
N LYS A 88 0.07 -6.52 -16.49
CA LYS A 88 -0.76 -5.72 -15.60
C LYS A 88 -2.25 -5.98 -15.87
N LYS A 89 -2.63 -6.07 -17.15
CA LYS A 89 -4.02 -6.34 -17.49
C LYS A 89 -4.46 -7.72 -17.04
N ALA A 90 -3.54 -8.67 -17.08
CA ALA A 90 -3.84 -10.00 -16.58
C ALA A 90 -4.07 -9.98 -15.07
N ILE A 91 -3.27 -9.19 -14.33
CA ILE A 91 -3.46 -9.13 -12.89
C ILE A 91 -4.78 -8.44 -12.55
N LEU A 92 -5.10 -7.37 -13.28
CA LEU A 92 -6.40 -6.71 -13.07
C LEU A 92 -7.57 -7.65 -13.30
N LYS A 93 -7.44 -8.56 -14.28
CA LYS A 93 -8.51 -9.51 -14.54
CA LYS A 93 -8.49 -9.53 -14.54
C LYS A 93 -8.88 -10.28 -13.27
N GLY A 94 -7.91 -10.60 -12.42
CA GLY A 94 -8.18 -11.37 -11.20
C GLY A 94 -8.96 -10.62 -10.13
N MET A 95 -9.15 -9.32 -10.29
CA MET A 95 -9.88 -8.54 -9.30
C MET A 95 -10.97 -7.70 -9.98
N THR A 96 -11.39 -8.10 -11.18
CA THR A 96 -12.45 -7.44 -11.92
C THR A 96 -13.37 -8.52 -12.49
N GLY A 97 -14.44 -8.05 -13.13
CA GLY A 97 -15.31 -8.97 -13.84
C GLY A 97 -15.87 -10.06 -12.96
N LYS A 98 -15.90 -11.27 -13.50
CA LYS A 98 -16.48 -12.37 -12.75
C LYS A 98 -15.61 -12.76 -11.56
N TYR A 99 -14.29 -12.58 -11.66
CA TYR A 99 -13.41 -12.88 -10.52
C TYR A 99 -13.74 -11.99 -9.32
N LEU A 100 -14.08 -10.73 -9.59
CA LEU A 100 -14.47 -9.83 -8.52
C LEU A 100 -15.83 -10.19 -7.95
N GLU A 101 -16.81 -10.46 -8.82
CA GLU A 101 -18.11 -10.93 -8.36
C GLU A 101 -17.99 -12.15 -7.45
N ASN A 102 -17.09 -13.09 -7.76
CA ASN A 102 -16.95 -14.28 -6.91
C ASN A 102 -16.21 -13.99 -5.61
N LEU A 103 -15.27 -13.05 -5.66
CA LEU A 103 -14.40 -12.77 -4.53
C LEU A 103 -15.11 -11.99 -3.44
N MET A 104 -15.97 -11.05 -3.81
CA MET A 104 -16.49 -10.13 -2.81
C MET A 104 -17.33 -10.85 -1.76
N PRO A 105 -18.23 -11.77 -2.13
CA PRO A 105 -18.95 -12.54 -1.10
C PRO A 105 -18.01 -13.27 -0.15
N ILE A 106 -16.91 -13.80 -0.69
CA ILE A 106 -15.91 -14.45 0.15
C ILE A 106 -15.32 -13.47 1.16
N LEU A 107 -14.98 -12.26 0.71
CA LEU A 107 -14.40 -11.27 1.61
C LEU A 107 -15.43 -10.79 2.61
N GLU A 108 -16.69 -10.81 2.23
CA GLU A 108 -17.72 -10.58 3.22
C GLU A 108 -17.67 -11.66 4.30
N LYS A 109 -17.52 -12.92 3.88
CA LYS A 109 -17.41 -14.04 4.83
C LYS A 109 -16.20 -13.86 5.75
N ARG A 110 -15.02 -13.57 5.17
CA ARG A 110 -13.86 -13.29 6.00
C ARG A 110 -14.16 -12.23 7.03
N THR A 111 -14.83 -11.15 6.60
CA THR A 111 -15.10 -10.02 7.49
C THR A 111 -16.04 -10.42 8.63
N ASN A 112 -17.15 -11.07 8.31
CA ASN A 112 -18.09 -11.47 9.35
C ASN A 112 -17.51 -12.55 10.26
N ASP A 113 -16.66 -13.43 9.74
CA ASP A 113 -16.03 -14.41 10.62
C ASP A 113 -15.15 -13.71 11.63
N ILE A 114 -14.41 -12.67 11.23
CA ILE A 114 -13.59 -12.00 12.22
C ILE A 114 -14.47 -11.29 13.23
N ILE A 115 -15.47 -10.55 12.75
CA ILE A 115 -16.38 -9.87 13.66
C ILE A 115 -17.01 -10.85 14.64
N ASN A 116 -17.41 -12.02 14.16
CA ASN A 116 -18.07 -12.98 15.05
C ASN A 116 -17.14 -13.48 16.14
N LYS A 117 -15.84 -13.43 15.92
CA LYS A 117 -14.88 -13.86 16.92
C LYS A 117 -14.72 -12.86 18.06
N HIS A 118 -15.07 -11.59 17.83
CA HIS A 118 -14.84 -10.50 18.79
C HIS A 118 -16.11 -9.85 19.30
N ILE A 119 -17.26 -10.11 18.68
CA ILE A 119 -18.48 -9.36 18.99
C ILE A 119 -18.88 -9.48 20.46
N GLU A 120 -18.66 -10.64 21.09
CA GLU A 120 -19.06 -10.74 22.49
C GLU A 120 -18.10 -10.03 23.45
N LYS A 121 -16.89 -9.68 23.03
CA LYS A 121 -15.97 -8.94 23.89
C LYS A 121 -16.26 -7.44 23.92
N LYS A 122 -17.09 -6.94 23.01
CA LYS A 122 -17.54 -5.54 22.99
C LYS A 122 -16.44 -4.58 22.62
N GLU A 123 -15.33 -5.05 22.07
CA GLU A 123 -14.25 -4.20 21.61
C GLU A 123 -13.44 -4.99 20.60
N ILE A 124 -12.73 -4.28 19.75
CA ILE A 124 -11.93 -4.92 18.72
C ILE A 124 -10.81 -3.97 18.33
N ASP A 125 -9.63 -4.54 18.06
CA ASP A 125 -8.48 -3.79 17.59
C ASP A 125 -8.49 -3.83 16.06
N ILE A 126 -8.84 -2.70 15.45
CA ILE A 126 -8.93 -2.67 13.98
C ILE A 126 -7.59 -3.02 13.34
N VAL A 127 -6.48 -2.72 14.01
CA VAL A 127 -5.17 -3.10 13.49
C VAL A 127 -4.91 -4.59 13.73
N ASN A 128 -4.85 -4.99 15.00
CA ASN A 128 -4.31 -6.30 15.35
C ASN A 128 -5.32 -7.42 15.38
N ASP A 129 -6.60 -7.12 15.63
CA ASP A 129 -7.62 -8.17 15.58
C ASP A 129 -8.23 -8.29 14.18
N PHE A 130 -8.54 -7.17 13.53
CA PHE A 130 -9.24 -7.25 12.26
C PHE A 130 -8.28 -7.13 11.09
N GLY A 131 -7.61 -5.99 11.00
CA GLY A 131 -6.96 -5.63 9.75
C GLY A 131 -5.83 -6.58 9.36
N LYS A 132 -4.98 -6.93 10.31
CA LYS A 132 -3.85 -7.77 9.92
C LYS A 132 -4.32 -9.15 9.49
N VAL A 133 -5.40 -9.65 10.10
CA VAL A 133 -5.94 -10.94 9.75
C VAL A 133 -6.69 -10.87 8.44
N PHE A 134 -7.58 -9.89 8.30
CA PHE A 134 -8.35 -9.77 7.07
C PHE A 134 -7.44 -9.56 5.87
N ALA A 135 -6.38 -8.76 6.03
CA ALA A 135 -5.60 -8.32 4.88
C ALA A 135 -4.95 -9.51 4.18
N VAL A 136 -4.35 -10.42 4.98
CA VAL A 136 -3.64 -11.55 4.40
C VAL A 136 -4.62 -12.62 3.93
N GLN A 137 -5.74 -12.81 4.62
CA GLN A 137 -6.78 -13.71 4.12
C GLN A 137 -7.37 -13.20 2.81
N SER A 138 -7.70 -11.91 2.73
CA SER A 138 -8.22 -11.36 1.47
C SER A 138 -7.23 -11.58 0.33
N SER A 139 -5.94 -11.38 0.59
CA SER A 139 -4.91 -11.55 -0.43
C SER A 139 -4.78 -13.01 -0.85
N MET A 140 -4.83 -13.93 0.12
CA MET A 140 -4.82 -15.35 -0.24
C MET A 140 -6.06 -15.72 -1.06
N ASP A 141 -7.25 -15.21 -0.70
CA ASP A 141 -8.45 -15.52 -1.50
C ASP A 141 -8.31 -15.01 -2.93
N LEU A 142 -7.81 -13.77 -3.09
CA LEU A 142 -7.59 -13.20 -4.42
C LEU A 142 -6.67 -14.11 -5.24
N LEU A 143 -5.59 -14.58 -4.62
CA LEU A 143 -4.65 -15.43 -5.35
C LEU A 143 -5.17 -16.85 -5.54
N GLY A 144 -6.03 -17.34 -4.64
CA GLY A 144 -6.43 -18.74 -4.65
C GLY A 144 -5.72 -19.64 -3.67
N ILE A 145 -5.14 -19.11 -2.62
CA ILE A 145 -4.42 -19.88 -1.62
C ILE A 145 -5.39 -20.23 -0.51
N ASN A 146 -5.35 -21.49 -0.09
CA ASN A 146 -6.27 -21.93 0.94
C ASN A 146 -5.79 -21.43 2.31
N LEU A 147 -6.76 -21.19 3.19
CA LEU A 147 -6.53 -20.39 4.39
C LEU A 147 -5.92 -21.18 5.55
N GLU A 148 -5.60 -22.47 5.37
CA GLU A 148 -5.17 -23.27 6.52
C GLU A 148 -3.95 -22.63 7.19
N ASN A 149 -2.96 -22.20 6.38
CA ASN A 149 -1.70 -21.73 6.90
C ASN A 149 -1.58 -20.20 6.88
N TYR A 150 -2.71 -19.49 6.96
CA TYR A 150 -2.65 -18.03 6.87
C TYR A 150 -1.79 -17.42 7.96
N GLU A 151 -1.65 -18.09 9.12
CA GLU A 151 -0.84 -17.52 10.20
C GLU A 151 0.63 -17.45 9.81
N LYS A 152 1.15 -18.56 9.24
CA LYS A 152 2.53 -18.56 8.77
C LYS A 152 2.71 -17.63 7.57
N ILE A 153 1.72 -17.60 6.66
CA ILE A 153 1.77 -16.67 5.53
C ILE A 153 1.97 -15.25 6.02
N ARG A 154 1.29 -14.88 7.12
CA ARG A 154 1.43 -13.55 7.68
CA ARG A 154 1.44 -13.54 7.67
C ARG A 154 2.85 -13.32 8.19
N GLU A 155 3.38 -14.28 8.93
CA GLU A 155 4.74 -14.19 9.45
C GLU A 155 5.74 -13.99 8.31
N TRP A 156 5.67 -14.86 7.28
CA TRP A 156 6.63 -14.77 6.18
C TRP A 156 6.44 -13.47 5.40
N HIS A 157 5.19 -13.03 5.22
CA HIS A 157 4.91 -11.77 4.55
C HIS A 157 5.58 -10.62 5.28
N ASN A 158 5.42 -10.58 6.61
CA ASN A 158 6.01 -9.52 7.40
C ASN A 158 7.52 -9.48 7.20
N GLY A 159 8.16 -10.64 7.10
CA GLY A 159 9.61 -10.67 6.94
C GLY A 159 10.04 -10.18 5.57
N ILE A 160 9.27 -10.53 4.53
CA ILE A 160 9.58 -10.06 3.19
C ILE A 160 9.30 -8.57 3.06
N ALA A 161 8.16 -8.11 3.58
CA ALA A 161 7.83 -6.69 3.48
C ALA A 161 8.88 -5.85 4.20
N LYS A 162 9.39 -6.34 5.34
CA LYS A 162 10.40 -5.57 6.07
C LYS A 162 11.64 -5.32 5.22
N PHE A 163 12.03 -6.33 4.43
CA PHE A 163 13.16 -6.13 3.52
C PHE A 163 12.87 -5.06 2.48
N ILE A 164 11.61 -4.93 2.04
CA ILE A 164 11.31 -3.97 0.98
C ILE A 164 11.14 -2.57 1.56
N THR A 165 10.64 -2.46 2.78
CA THR A 165 10.29 -1.18 3.37
C THR A 165 11.39 -0.59 4.23
N SER A 166 12.53 -1.26 4.37
CA SER A 166 13.59 -0.80 5.26
C SER A 166 14.79 -0.32 4.46
N PHE A 167 15.56 0.57 5.10
CA PHE A 167 16.73 1.16 4.47
C PHE A 167 18.05 0.71 5.10
N ASN A 168 18.06 0.40 6.40
CA ASN A 168 19.28 0.04 7.12
C ASN A 168 19.02 -1.24 7.90
N LEU A 169 19.04 -2.36 7.20
CA LEU A 169 18.84 -3.67 7.82
C LEU A 169 20.20 -4.29 8.11
N ASN A 170 20.34 -4.86 9.31
CA ASN A 170 21.56 -5.56 9.66
C ASN A 170 21.56 -6.96 9.04
N ASP A 171 22.72 -7.63 9.12
CA ASP A 171 22.89 -8.90 8.42
C ASP A 171 21.95 -9.98 8.96
N GLU A 172 21.61 -9.92 10.25
CA GLU A 172 20.67 -10.90 10.80
C GLU A 172 19.24 -10.59 10.40
N GLU A 173 18.91 -9.32 10.19
CA GLU A 173 17.59 -8.99 9.67
C GLU A 173 17.46 -9.44 8.22
N ILE A 174 18.52 -9.23 7.43
CA ILE A 174 18.49 -9.60 6.02
C ILE A 174 18.31 -11.12 5.86
N LYS A 175 19.06 -11.90 6.65
CA LYS A 175 18.99 -13.35 6.49
C LYS A 175 17.60 -13.87 6.89
N TYR A 176 17.01 -13.27 7.92
CA TYR A 176 15.66 -13.67 8.32
C TYR A 176 14.65 -13.36 7.22
N SER A 177 14.74 -12.17 6.61
CA SER A 177 13.82 -11.84 5.53
C SER A 177 13.96 -12.82 4.37
N LEU A 178 15.20 -13.21 4.05
CA LEU A 178 15.44 -14.19 2.99
C LEU A 178 14.90 -15.57 3.39
N GLU A 179 15.06 -15.97 4.65
N GLU A 179 15.04 -15.95 4.66
CA GLU A 179 14.46 -17.21 5.11
CA GLU A 179 14.46 -17.22 5.10
C GLU A 179 12.95 -17.17 4.94
C GLU A 179 12.94 -17.19 4.99
N CYS A 180 12.33 -16.05 5.28
CA CYS A 180 10.89 -15.90 5.09
C CYS A 180 10.54 -16.05 3.62
N SER A 181 11.35 -15.47 2.73
CA SER A 181 11.14 -15.60 1.29
C SER A 181 11.24 -17.05 0.85
N ASP A 182 12.21 -17.79 1.37
CA ASP A 182 12.37 -19.19 0.99
C ASP A 182 11.18 -20.02 1.46
N LYS A 183 10.71 -19.77 2.68
CA LYS A 183 9.57 -20.53 3.18
C LYS A 183 8.32 -20.26 2.34
N LEU A 184 8.06 -19.01 2.01
CA LEU A 184 6.89 -18.72 1.19
C LEU A 184 7.01 -19.38 -0.18
N GLU A 185 8.20 -19.32 -0.77
CA GLU A 185 8.41 -20.00 -2.04
C GLU A 185 8.20 -21.50 -1.91
N ASN A 186 8.74 -22.11 -0.85
CA ASN A 186 8.55 -23.55 -0.63
C ASN A 186 7.09 -23.92 -0.44
N TYR A 187 6.29 -23.00 0.08
CA TYR A 187 4.86 -23.26 0.25
C TYR A 187 4.11 -23.07 -1.06
N LEU A 188 4.47 -22.05 -1.84
CA LEU A 188 3.65 -21.64 -2.97
C LEU A 188 3.97 -22.40 -4.25
N MET A 189 5.25 -22.65 -4.53
CA MET A 189 5.63 -23.38 -5.74
C MET A 189 4.81 -24.65 -5.94
N PRO A 190 4.59 -25.50 -4.92
CA PRO A 190 3.73 -26.67 -5.13
C PRO A 190 2.31 -26.29 -5.52
N LEU A 191 1.77 -25.21 -4.94
CA LEU A 191 0.40 -24.81 -5.25
C LEU A 191 0.26 -24.39 -6.71
N ILE A 192 1.27 -23.71 -7.24
CA ILE A 192 1.28 -23.36 -8.65
C ILE A 192 1.35 -24.62 -9.52
N LYS A 193 2.12 -25.62 -9.07
CA LYS A 193 2.22 -26.86 -9.81
C LYS A 193 0.88 -27.60 -9.83
N ASP A 194 0.22 -27.70 -8.68
CA ASP A 194 -1.08 -28.36 -8.64
C ASP A 194 -2.14 -27.57 -9.42
N ARG A 195 -2.05 -26.24 -9.39
CA ARG A 195 -3.05 -25.42 -10.06
C ARG A 195 -3.01 -25.63 -11.56
N LYS A 196 -1.83 -25.84 -12.13
CA LYS A 196 -1.69 -25.94 -13.58
C LYS A 196 -2.18 -27.29 -14.13
N LYS A 197 -2.27 -28.31 -13.29
CA LYS A 197 -2.87 -29.57 -13.69
C LYS A 197 -4.36 -29.63 -13.40
N SER A 198 -4.89 -28.67 -12.64
CA SER A 198 -6.32 -28.59 -12.35
C SER A 198 -6.62 -27.10 -12.12
N THR A 199 -7.01 -26.43 -13.20
CA THR A 199 -7.19 -24.98 -13.16
C THR A 199 -8.44 -24.60 -12.38
N LYS A 200 -8.36 -23.47 -11.67
CA LYS A 200 -9.48 -22.89 -10.96
C LYS A 200 -9.62 -21.43 -11.40
N ASP A 201 -10.57 -20.71 -10.80
CA ASP A 201 -10.84 -19.33 -11.15
C ASP A 201 -10.24 -18.42 -10.07
N ASP A 202 -8.92 -18.25 -10.15
CA ASP A 202 -8.21 -17.36 -9.24
C ASP A 202 -7.07 -16.70 -10.02
N LEU A 203 -6.34 -15.81 -9.35
CA LEU A 203 -5.30 -15.06 -10.04
C LEU A 203 -4.12 -15.95 -10.40
N ILE A 204 -3.77 -16.93 -9.57
CA ILE A 204 -2.69 -17.83 -9.93
C ILE A 204 -3.02 -18.57 -11.22
N SER A 205 -4.29 -18.96 -11.39
CA SER A 205 -4.68 -19.63 -12.63
C SER A 205 -4.60 -18.67 -13.81
N ILE A 206 -4.99 -17.41 -13.62
CA ILE A 206 -4.85 -16.42 -14.68
C ILE A 206 -3.41 -16.34 -15.15
N LEU A 207 -2.47 -16.28 -14.21
CA LEU A 207 -1.05 -16.14 -14.56
C LEU A 207 -0.56 -17.37 -15.30
N LEU A 208 -1.06 -18.55 -14.92
CA LEU A 208 -0.67 -19.79 -15.58
C LEU A 208 -1.23 -19.88 -17.01
N GLU A 209 -2.41 -19.31 -17.25
CA GLU A 209 -3.06 -19.37 -18.55
C GLU A 209 -2.69 -18.21 -19.46
N TYR A 210 -2.03 -17.18 -18.93
CA TYR A 210 -1.61 -16.04 -19.74
C TYR A 210 -0.72 -16.51 -20.88
N LYS A 211 -0.92 -15.92 -22.07
CA LYS A 211 -0.15 -16.26 -23.24
C LYS A 211 0.23 -14.99 -23.97
N ASN A 212 1.52 -14.86 -24.31
CA ASN A 212 2.05 -13.75 -25.11
C ASN A 212 2.69 -14.35 -26.35
N ASP A 213 1.88 -14.58 -27.38
CA ASP A 213 2.35 -15.21 -28.62
C ASP A 213 2.79 -16.64 -28.35
N GLU A 214 1.89 -17.42 -27.72
CA GLU A 214 2.11 -18.83 -27.39
C GLU A 214 3.19 -19.04 -26.33
N ASN A 215 3.69 -17.98 -25.72
CA ASN A 215 4.71 -18.07 -24.69
C ASN A 215 4.04 -17.90 -23.32
N SER A 216 4.23 -18.90 -22.45
CA SER A 216 3.67 -18.86 -21.11
C SER A 216 4.71 -18.30 -20.14
N ILE A 217 4.21 -17.73 -19.03
CA ILE A 217 5.08 -17.19 -18.00
C ILE A 217 5.79 -18.34 -17.29
N SER A 218 7.09 -18.16 -17.03
CA SER A 218 7.85 -19.17 -16.31
C SER A 218 7.34 -19.32 -14.88
N ASP A 219 7.56 -20.51 -14.31
CA ASP A 219 6.99 -20.80 -12.99
C ASP A 219 7.55 -19.89 -11.92
N THR A 220 8.84 -19.55 -11.99
CA THR A 220 9.42 -18.66 -10.99
C THR A 220 8.87 -17.25 -11.14
N GLU A 221 8.57 -16.82 -12.36
CA GLU A 221 7.99 -15.49 -12.55
CA GLU A 221 7.97 -15.50 -12.57
C GLU A 221 6.55 -15.44 -12.05
N ILE A 222 5.81 -16.55 -12.19
CA ILE A 222 4.46 -16.62 -11.63
C ILE A 222 4.55 -16.51 -10.11
N LEU A 223 5.57 -17.13 -9.52
CA LEU A 223 5.77 -17.01 -8.08
C LEU A 223 6.09 -15.57 -7.70
N ALA A 224 6.98 -14.93 -8.46
CA ALA A 224 7.35 -13.56 -8.15
C ALA A 224 6.13 -12.65 -8.28
N LEU A 225 5.33 -12.83 -9.33
CA LEU A 225 4.14 -12.00 -9.50
C LEU A 225 3.14 -12.30 -8.41
N SER A 226 3.02 -13.58 -8.03
CA SER A 226 2.14 -13.94 -6.92
C SER A 226 2.61 -13.31 -5.63
N LEU A 227 3.93 -13.36 -5.35
CA LEU A 227 4.45 -12.72 -4.15
C LEU A 227 4.26 -11.21 -4.23
N ASN A 228 4.39 -10.64 -5.42
CA ASN A 228 4.15 -9.21 -5.58
C ASN A 228 2.73 -8.85 -5.17
N VAL A 229 1.75 -9.63 -5.63
CA VAL A 229 0.34 -9.36 -5.31
C VAL A 229 0.08 -9.58 -3.82
N LEU A 230 0.64 -10.66 -3.25
CA LEU A 230 0.49 -10.92 -1.83
C LEU A 230 1.08 -9.78 -1.01
N LEU A 231 2.32 -9.40 -1.32
CA LEU A 231 2.95 -8.29 -0.62
C LEU A 231 2.16 -7.02 -0.82
N ALA A 232 1.83 -6.70 -2.07
CA ALA A 232 1.19 -5.43 -2.38
C ALA A 232 -0.20 -5.32 -1.79
N ALA A 233 -0.99 -6.41 -1.84
CA ALA A 233 -2.37 -6.34 -1.39
C ALA A 233 -2.52 -6.38 0.13
N THR A 234 -1.60 -7.03 0.86
CA THR A 234 -1.72 -7.14 2.31
C THR A 234 -1.36 -5.83 3.03
N GLU A 235 -0.14 -5.32 2.82
CA GLU A 235 0.40 -4.28 3.66
C GLU A 235 -0.52 -3.07 3.87
N PRO A 236 -1.11 -2.47 2.83
CA PRO A 236 -1.80 -1.18 3.05
C PRO A 236 -3.19 -1.30 3.68
N VAL A 237 -3.73 -2.52 3.81
CA VAL A 237 -5.16 -2.68 4.12
C VAL A 237 -5.42 -2.42 5.59
N ASP A 238 -4.74 -3.16 6.48
CA ASP A 238 -4.89 -2.92 7.91
C ASP A 238 -4.63 -1.46 8.26
N LYS A 239 -3.60 -0.86 7.64
CA LYS A 239 -3.27 0.52 7.96
C LYS A 239 -4.41 1.45 7.59
N THR A 240 -4.93 1.31 6.36
CA THR A 240 -5.94 2.25 5.87
C THR A 240 -7.23 2.10 6.64
N LEU A 241 -7.61 0.85 6.96
CA LEU A 241 -8.82 0.64 7.73
C LEU A 241 -8.71 1.26 9.12
N ALA A 242 -7.57 1.07 9.80
CA ALA A 242 -7.38 1.71 11.10
C ALA A 242 -7.47 3.23 10.98
N TYR A 243 -6.72 3.81 10.03
CA TYR A 243 -6.72 5.26 9.85
C TYR A 243 -8.11 5.78 9.57
N LEU A 244 -8.89 5.03 8.79
CA LEU A 244 -10.23 5.48 8.41
C LEU A 244 -11.12 5.62 9.64
N PHE A 245 -11.19 4.58 10.48
CA PHE A 245 -12.07 4.67 11.63
C PHE A 245 -11.51 5.63 12.68
N TYR A 246 -10.19 5.72 12.80
CA TYR A 246 -9.60 6.68 13.73
C TYR A 246 -9.99 8.10 13.34
N ASN A 247 -9.76 8.47 12.06
CA ASN A 247 -10.04 9.85 11.65
C ASN A 247 -11.52 10.16 11.78
N LEU A 248 -12.39 9.19 11.45
CA LEU A 248 -13.82 9.42 11.57
C LEU A 248 -14.20 9.66 13.03
N LEU A 249 -13.73 8.79 13.92
CA LEU A 249 -14.06 8.92 15.34
C LEU A 249 -13.50 10.22 15.91
N LYS A 250 -12.34 10.69 15.42
CA LYS A 250 -11.79 11.95 15.89
C LYS A 250 -12.47 13.16 15.28
N ASN A 251 -13.37 12.94 14.30
CA ASN A 251 -14.18 13.99 13.70
C ASN A 251 -15.63 13.52 13.76
N PRO A 252 -16.26 13.63 14.93
CA PRO A 252 -17.57 12.98 15.11
C PRO A 252 -18.62 13.46 14.13
N GLU A 253 -18.61 14.75 13.80
CA GLU A 253 -19.57 15.27 12.83
C GLU A 253 -19.44 14.56 11.48
N GLN A 254 -18.20 14.35 11.03
CA GLN A 254 -18.00 13.62 9.78
C GLN A 254 -18.39 12.16 9.93
N PHE A 255 -18.13 11.57 11.09
CA PHE A 255 -18.57 10.21 11.31
C PHE A 255 -20.10 10.11 11.20
N GLU A 256 -20.81 11.04 11.84
CA GLU A 256 -22.27 11.02 11.75
C GLU A 256 -22.75 11.24 10.32
N SER A 257 -22.01 12.01 9.54
CA SER A 257 -22.40 12.22 8.16
C SER A 257 -22.32 10.92 7.38
N VAL A 258 -21.32 10.09 7.69
CA VAL A 258 -21.18 8.82 6.98
C VAL A 258 -22.31 7.87 7.36
N LYS A 259 -22.72 7.90 8.63
CA LYS A 259 -23.83 7.04 9.07
C LYS A 259 -25.14 7.44 8.40
N ASN A 260 -25.40 8.75 8.28
CA ASN A 260 -26.65 9.20 7.67
C ASN A 260 -26.65 8.94 6.16
N ASN A 261 -25.56 9.29 5.48
CA ASN A 261 -25.43 9.04 4.04
C ASN A 261 -24.32 8.02 3.81
N PRO A 262 -24.63 6.72 3.82
CA PRO A 262 -23.58 5.72 3.61
C PRO A 262 -22.74 5.91 2.35
N LYS A 263 -23.28 6.60 1.36
CA LYS A 263 -22.52 6.81 0.13
C LYS A 263 -21.22 7.59 0.38
N LEU A 264 -21.15 8.37 1.46
CA LEU A 264 -19.94 9.16 1.70
C LEU A 264 -18.74 8.32 2.11
N ILE A 265 -18.92 7.02 2.30
CA ILE A 265 -17.81 6.18 2.78
C ILE A 265 -16.67 6.17 1.76
N LYS A 266 -17.01 6.13 0.46
CA LYS A 266 -15.96 6.13 -0.55
C LYS A 266 -15.09 7.37 -0.44
N ASN A 267 -15.72 8.54 -0.28
CA ASN A 267 -14.98 9.79 -0.12
C ASN A 267 -14.16 9.77 1.16
N ALA A 268 -14.68 9.15 2.22
CA ALA A 268 -13.92 9.08 3.46
C ALA A 268 -12.66 8.23 3.29
N ILE A 269 -12.78 7.15 2.52
CA ILE A 269 -11.62 6.31 2.25
C ILE A 269 -10.59 7.08 1.44
N ILE A 270 -11.05 7.75 0.37
CA ILE A 270 -10.15 8.54 -0.45
C ILE A 270 -9.46 9.61 0.38
N GLU A 271 -10.22 10.33 1.21
CA GLU A 271 -9.60 11.36 2.02
C GLU A 271 -8.61 10.73 3.01
N THR A 272 -8.93 9.54 3.52
CA THR A 272 -8.03 8.89 4.46
C THR A 272 -6.71 8.55 3.78
N LEU A 273 -6.81 8.08 2.54
CA LEU A 273 -5.63 7.71 1.77
C LEU A 273 -4.77 8.94 1.48
N ARG A 274 -5.42 10.06 1.18
CA ARG A 274 -4.68 11.31 1.02
C ARG A 274 -4.02 11.74 2.32
N TYR A 275 -4.81 11.84 3.41
CA TYR A 275 -4.34 12.38 4.69
C TYR A 275 -3.31 11.50 5.36
N ASN A 276 -3.49 10.20 5.37
CA ASN A 276 -2.60 9.26 6.02
C ASN A 276 -2.20 8.22 4.99
N SER A 277 -1.41 8.65 4.01
CA SER A 277 -0.97 7.81 2.89
C SER A 277 -0.25 6.59 3.46
N PRO A 278 -0.80 5.39 3.29
CA PRO A 278 -0.17 4.20 3.89
C PRO A 278 1.10 3.78 3.18
N VAL A 279 1.21 3.97 1.86
CA VAL A 279 2.47 3.85 1.15
C VAL A 279 3.08 5.26 1.07
N GLN A 280 4.16 5.51 1.83
CA GLN A 280 4.71 6.85 2.00
C GLN A 280 5.75 7.22 0.93
N LEU A 281 6.46 6.23 0.40
CA LEU A 281 7.61 6.50 -0.45
C LEU A 281 7.52 5.67 -1.71
N ILE A 282 7.88 6.31 -2.84
CA ILE A 282 8.02 5.62 -4.12
C ILE A 282 9.38 5.99 -4.71
N PRO A 283 10.30 5.04 -4.85
CA PRO A 283 11.60 5.33 -5.45
C PRO A 283 11.59 5.20 -6.97
N ARG A 284 12.51 5.96 -7.57
CA ARG A 284 12.78 5.98 -8.99
C ARG A 284 14.28 6.22 -9.16
N GLN A 285 14.81 5.79 -10.31
CA GLN A 285 16.18 6.05 -10.70
C GLN A 285 16.21 7.05 -11.86
N VAL A 286 17.06 8.07 -11.72
CA VAL A 286 17.21 9.11 -12.73
C VAL A 286 18.06 8.58 -13.87
N SER A 287 17.54 8.69 -15.09
CA SER A 287 18.22 8.13 -16.24
C SER A 287 19.07 9.14 -16.99
N LYS A 288 19.02 10.42 -16.66
CA LYS A 288 19.80 11.42 -17.39
C LYS A 288 19.88 12.70 -16.57
N PRO A 289 20.81 13.60 -16.87
CA PRO A 289 20.88 14.86 -16.12
C PRO A 289 19.54 15.57 -16.14
N PHE A 290 19.21 16.18 -15.00
CA PHE A 290 17.91 16.79 -14.78
C PHE A 290 18.01 17.71 -13.58
N ILE A 291 17.16 18.74 -13.52
CA ILE A 291 17.17 19.69 -12.42
C ILE A 291 15.75 20.05 -12.02
N PHE A 292 15.47 19.97 -10.72
CA PHE A 292 14.28 20.54 -10.09
C PHE A 292 14.73 21.73 -9.23
N ASN A 293 13.97 22.83 -9.29
CA ASN A 293 14.36 24.11 -8.70
C ASN A 293 15.79 24.45 -9.11
N ASN A 294 16.76 24.34 -8.22
CA ASN A 294 18.16 24.44 -8.65
C ASN A 294 18.95 23.26 -8.10
N THR A 295 18.28 22.14 -7.87
CA THR A 295 18.94 20.94 -7.36
C THR A 295 19.22 20.00 -8.52
N GLU A 296 20.49 19.74 -8.74
CA GLU A 296 20.94 19.01 -9.92
C GLU A 296 20.99 17.52 -9.62
N LEU A 297 20.48 16.74 -10.58
CA LEU A 297 20.43 15.29 -10.50
C LEU A 297 21.21 14.75 -11.69
N GLN A 298 21.89 13.62 -11.46
N GLN A 298 21.89 13.62 -11.46
CA GLN A 298 22.70 12.96 -12.47
CA GLN A 298 22.70 12.94 -12.45
C GLN A 298 22.13 11.58 -12.77
C GLN A 298 22.08 11.60 -12.79
N ALA A 299 22.45 11.07 -13.96
CA ALA A 299 22.04 9.72 -14.32
C ALA A 299 22.54 8.74 -13.28
N GLY A 300 21.67 7.84 -12.83
CA GLY A 300 22.01 6.89 -11.80
C GLY A 300 21.61 7.30 -10.39
N ASP A 301 21.33 8.59 -10.17
CA ASP A 301 20.83 9.05 -8.88
C ASP A 301 19.47 8.43 -8.60
N THR A 302 19.13 8.41 -7.31
CA THR A 302 17.87 7.89 -6.81
C THR A 302 17.03 9.02 -6.25
N VAL A 303 15.79 9.14 -6.73
CA VAL A 303 14.81 10.06 -6.16
C VAL A 303 13.74 9.25 -5.47
N ILE A 304 13.27 9.75 -4.33
CA ILE A 304 12.24 9.07 -3.53
C ILE A 304 11.08 10.05 -3.37
N CYS A 305 9.98 9.78 -4.09
CA CYS A 305 8.77 10.59 -3.93
C CYS A 305 8.14 10.38 -2.55
N MET A 306 7.77 11.48 -1.90
CA MET A 306 7.19 11.44 -0.57
C MET A 306 5.70 11.68 -0.79
N ILE A 307 4.98 10.56 -0.92
CA ILE A 307 3.54 10.57 -1.23
C ILE A 307 2.75 11.32 -0.15
N GLY A 308 3.04 11.06 1.12
CA GLY A 308 2.35 11.79 2.18
C GLY A 308 2.57 13.29 2.10
N SER A 309 3.80 13.71 1.82
CA SER A 309 4.09 15.15 1.72
C SER A 309 3.35 15.75 0.53
N ALA A 310 3.42 15.11 -0.63
CA ALA A 310 2.71 15.57 -1.81
C ALA A 310 1.22 15.75 -1.54
N ASN A 311 0.62 14.76 -0.89
CA ASN A 311 -0.81 14.77 -0.64
C ASN A 311 -1.23 15.80 0.40
N ARG A 312 -0.28 16.43 1.07
CA ARG A 312 -0.54 17.53 1.98
C ARG A 312 0.06 18.85 1.45
N ASP A 313 0.40 18.89 0.18
CA ASP A 313 0.95 20.12 -0.40
C ASP A 313 -0.11 21.21 -0.47
N PRO A 314 0.09 22.35 0.21
CA PRO A 314 -0.85 23.49 0.04
C PRO A 314 -1.03 23.95 -1.41
N GLU A 315 -0.07 23.69 -2.29
CA GLU A 315 -0.29 24.04 -3.68
C GLU A 315 -1.31 23.12 -4.36
N ALA A 316 -1.61 21.96 -3.77
CA ALA A 316 -2.57 21.04 -4.35
C ALA A 316 -3.88 20.97 -3.59
N TYR A 317 -3.91 21.31 -2.31
CA TYR A 317 -5.09 21.19 -1.46
C TYR A 317 -5.17 22.39 -0.53
N SER A 318 -6.37 22.89 -0.31
CA SER A 318 -6.59 23.91 0.72
C SER A 318 -6.75 23.20 2.05
N ASN A 319 -6.18 23.79 3.10
CA ASN A 319 -6.16 23.20 4.42
C ASN A 319 -5.71 21.72 4.33
N PRO A 320 -4.51 21.49 3.80
CA PRO A 320 -4.13 20.10 3.50
C PRO A 320 -3.95 19.23 4.72
N ASP A 321 -3.62 19.82 5.88
CA ASP A 321 -3.32 19.05 7.09
C ASP A 321 -4.54 18.84 7.97
N GLU A 322 -5.73 18.97 7.40
CA GLU A 322 -6.98 18.69 8.08
CA GLU A 322 -6.99 18.70 8.09
C GLU A 322 -7.72 17.58 7.34
N PHE A 323 -8.22 16.61 8.11
CA PHE A 323 -9.03 15.52 7.58
C PHE A 323 -10.43 16.07 7.28
N ASN A 324 -10.85 15.98 6.02
CA ASN A 324 -12.17 16.49 5.62
C ASN A 324 -12.76 15.64 4.50
N ILE A 325 -13.76 14.82 4.81
CA ILE A 325 -14.26 13.88 3.82
C ILE A 325 -15.11 14.55 2.75
N HIS A 326 -15.46 15.81 2.96
CA HIS A 326 -16.29 16.55 2.02
C HIS A 326 -15.50 17.32 0.96
N ARG A 327 -14.19 17.11 0.84
CA ARG A 327 -13.42 17.76 -0.22
C ARG A 327 -13.97 17.41 -1.60
N SER A 328 -13.88 18.36 -2.52
CA SER A 328 -14.36 18.15 -3.88
C SER A 328 -13.92 19.32 -4.74
N SER A 329 -13.70 19.05 -6.03
CA SER A 329 -13.34 20.09 -6.98
C SER A 329 -14.55 20.93 -7.41
N ASP A 330 -15.70 20.72 -6.79
CA ASP A 330 -16.91 21.47 -7.12
C ASP A 330 -17.05 22.74 -6.30
N ASN A 331 -16.43 22.82 -5.12
CA ASN A 331 -16.54 23.99 -4.27
C ASN A 331 -15.25 24.81 -4.29
N THR A 336 -12.04 26.76 -3.48
CA THR A 336 -10.94 26.08 -2.79
C THR A 336 -10.05 25.33 -3.79
N SER A 337 -9.04 24.63 -3.27
CA SER A 337 -8.10 23.87 -4.09
C SER A 337 -8.21 22.38 -3.77
N HIS A 338 -8.30 21.56 -4.82
CA HIS A 338 -8.42 20.11 -4.68
C HIS A 338 -7.80 19.45 -5.89
N SER A 339 -7.03 18.39 -5.64
CA SER A 339 -6.35 17.66 -6.70
C SER A 339 -6.58 16.16 -6.51
N GLN A 340 -6.27 15.41 -7.55
CA GLN A 340 -6.22 13.96 -7.45
C GLN A 340 -5.03 13.54 -6.58
N ASN A 341 -5.30 12.77 -5.51
CA ASN A 341 -4.20 12.40 -4.64
C ASN A 341 -3.31 11.35 -5.32
N LEU A 342 -2.10 11.18 -4.77
CA LEU A 342 -1.10 10.31 -5.34
C LEU A 342 -0.93 9.04 -4.50
N SER A 343 -1.94 8.71 -3.69
CA SER A 343 -1.81 7.58 -2.77
CA SER A 343 -1.83 7.58 -2.77
C SER A 343 -1.71 6.25 -3.50
N PHE A 344 -2.23 6.19 -4.73
CA PHE A 344 -2.09 5.04 -5.63
C PHE A 344 -1.05 5.27 -6.71
N GLY A 345 -0.22 6.32 -6.57
CA GLY A 345 0.70 6.72 -7.61
C GLY A 345 -0.06 7.34 -8.77
N THR A 346 0.64 7.38 -9.91
CA THR A 346 0.07 7.89 -11.16
C THR A 346 1.02 7.52 -12.31
N GLY A 347 0.53 7.71 -13.53
CA GLY A 347 1.32 7.30 -14.69
C GLY A 347 1.30 5.79 -14.92
N VAL A 348 2.38 5.30 -15.55
CA VAL A 348 2.41 3.93 -16.07
C VAL A 348 2.25 2.90 -14.94
N HIS A 349 2.84 3.18 -13.77
CA HIS A 349 2.91 2.16 -12.73
C HIS A 349 1.89 2.40 -11.64
N THR A 350 0.86 3.19 -11.93
CA THR A 350 -0.21 3.43 -10.97
C THR A 350 -0.79 2.10 -10.51
N CYS A 351 -1.25 2.09 -9.25
CA CYS A 351 -1.64 0.84 -8.59
C CYS A 351 -2.72 0.09 -9.37
N VAL A 352 -2.40 -1.14 -9.79
CA VAL A 352 -3.40 -1.97 -10.45
C VAL A 352 -4.54 -2.34 -9.51
N GLY A 353 -4.29 -2.34 -8.21
CA GLY A 353 -5.23 -2.73 -7.18
C GLY A 353 -6.13 -1.61 -6.69
N ALA A 354 -6.07 -0.41 -7.29
CA ALA A 354 -6.73 0.76 -6.73
C ALA A 354 -8.25 0.59 -6.63
N SER A 355 -8.89 0.21 -7.75
CA SER A 355 -10.34 0.06 -7.74
C SER A 355 -10.77 -1.07 -6.80
N PHE A 356 -10.09 -2.22 -6.86
CA PHE A 356 -10.41 -3.30 -5.94
C PHE A 356 -10.28 -2.85 -4.49
N SER A 357 -9.15 -2.19 -4.16
CA SER A 357 -8.92 -1.68 -2.80
C SER A 357 -10.07 -0.83 -2.32
N LEU A 358 -10.49 0.15 -3.13
CA LEU A 358 -11.59 1.01 -2.71
C LEU A 358 -12.86 0.21 -2.48
N ILE A 359 -13.10 -0.80 -3.33
CA ILE A 359 -14.31 -1.60 -3.21
C ILE A 359 -14.24 -2.47 -1.98
N GLN A 360 -13.11 -3.14 -1.78
CA GLN A 360 -12.91 -3.97 -0.60
C GLN A 360 -13.02 -3.15 0.70
N LEU A 361 -12.38 -1.98 0.74
CA LEU A 361 -12.40 -1.17 1.96
C LEU A 361 -13.80 -0.61 2.23
N GLU A 362 -14.58 -0.29 1.20
CA GLU A 362 -15.94 0.14 1.43
C GLU A 362 -16.80 -1.01 1.98
N MET A 363 -16.62 -2.21 1.45
CA MET A 363 -17.40 -3.33 1.94
C MET A 363 -17.13 -3.57 3.43
N VAL A 364 -15.86 -3.56 3.82
CA VAL A 364 -15.51 -3.82 5.22
C VAL A 364 -16.04 -2.72 6.11
N ALA A 365 -15.85 -1.46 5.69
CA ALA A 365 -16.27 -0.35 6.55
C ALA A 365 -17.77 -0.40 6.75
N ILE A 366 -18.53 -0.68 5.69
CA ILE A 366 -19.99 -0.69 5.81
C ILE A 366 -20.44 -1.81 6.75
N LEU A 367 -19.79 -2.97 6.65
CA LEU A 367 -20.13 -4.09 7.53
C LEU A 367 -19.77 -3.79 8.98
N LEU A 368 -18.59 -3.21 9.23
CA LEU A 368 -18.27 -2.82 10.60
C LEU A 368 -19.31 -1.86 11.16
N LEU A 369 -19.71 -0.84 10.36
CA LEU A 369 -20.70 0.13 10.81
C LEU A 369 -22.08 -0.52 10.97
N LYS A 370 -22.37 -1.54 10.17
CA LYS A 370 -23.67 -2.21 10.28
C LYS A 370 -23.75 -3.05 11.55
N ARG A 371 -22.70 -3.80 11.87
CA ARG A 371 -22.76 -4.81 12.92
C ARG A 371 -22.28 -4.30 14.27
N LEU A 372 -21.37 -3.32 14.32
CA LEU A 372 -20.85 -2.79 15.58
C LEU A 372 -21.57 -1.48 15.84
N LYS A 373 -22.50 -1.51 16.78
CA LYS A 373 -23.40 -0.39 17.01
C LYS A 373 -22.83 0.53 18.10
N ASN A 374 -23.05 1.83 17.93
CA ASN A 374 -22.59 2.84 18.88
C ASN A 374 -21.08 2.71 19.11
N ILE A 375 -20.33 2.80 18.02
CA ILE A 375 -18.89 2.61 18.11
C ILE A 375 -18.29 3.77 18.88
N LYS A 376 -17.31 3.47 19.74
CA LYS A 376 -16.60 4.46 20.52
C LYS A 376 -15.10 4.21 20.40
N LEU A 377 -14.33 5.28 20.39
CA LEU A 377 -12.88 5.15 20.34
C LEU A 377 -12.30 4.88 21.73
N LYS A 378 -11.40 3.90 21.82
CA LYS A 378 -10.64 3.64 23.04
CA LYS A 378 -10.64 3.64 23.04
C LYS A 378 -9.19 4.07 22.91
N THR A 379 -8.57 3.84 21.75
CA THR A 379 -7.23 4.36 21.50
C THR A 379 -7.35 5.85 21.15
N MET A 380 -7.36 6.69 22.19
CA MET A 380 -7.60 8.12 21.99
C MET A 380 -6.46 8.76 21.23
N GLU A 381 -5.25 8.23 21.37
CA GLU A 381 -4.05 8.75 20.71
C GLU A 381 -3.33 7.57 20.08
N ILE A 382 -3.19 7.59 18.75
CA ILE A 382 -2.48 6.52 18.06
C ILE A 382 -0.97 6.79 18.10
N THR A 383 -0.22 5.72 17.96
CA THR A 383 1.22 5.76 17.72
C THR A 383 1.47 5.16 16.34
N GLU A 384 2.11 5.91 15.46
CA GLU A 384 2.35 5.45 14.10
C GLU A 384 3.79 5.01 13.95
N HIS A 385 3.98 3.96 13.15
CA HIS A 385 5.30 3.40 12.90
CA HIS A 385 5.32 3.42 12.89
C HIS A 385 5.47 3.20 11.39
N GLY A 386 6.71 3.32 10.94
CA GLY A 386 7.06 3.13 9.55
C GLY A 386 7.27 4.43 8.79
N ILE A 387 8.28 4.45 7.92
CA ILE A 387 8.48 5.61 7.06
C ILE A 387 8.24 5.31 5.61
N TYR A 388 8.30 4.03 5.21
CA TYR A 388 8.04 3.58 3.84
C TYR A 388 6.57 3.22 3.70
N THR A 389 6.10 2.25 4.49
CA THR A 389 4.69 2.01 4.74
C THR A 389 4.44 2.39 6.18
N ARG A 390 3.26 2.93 6.45
CA ARG A 390 3.04 3.61 7.70
C ARG A 390 1.62 3.40 8.15
N GLY A 391 1.45 3.18 9.44
CA GLY A 391 0.14 2.95 10.02
C GLY A 391 0.16 2.91 11.54
N PRO A 392 -1.01 2.95 12.15
CA PRO A 392 -1.08 2.86 13.62
C PRO A 392 -0.64 1.49 14.15
N LYS A 393 -0.01 1.49 15.32
CA LYS A 393 0.31 0.23 16.00
C LYS A 393 -0.93 -0.47 16.53
N SER A 394 -1.89 0.31 17.00
CA SER A 394 -3.11 -0.22 17.55
C SER A 394 -4.22 0.79 17.32
N MET A 395 -5.45 0.30 17.20
CA MET A 395 -6.57 1.22 17.02
C MET A 395 -7.80 0.48 17.51
N VAL A 396 -8.07 0.58 18.81
CA VAL A 396 -9.08 -0.22 19.50
C VAL A 396 -10.36 0.59 19.57
N ILE A 397 -11.47 -0.02 19.20
CA ILE A 397 -12.78 0.57 19.35
C ILE A 397 -13.64 -0.35 20.22
N SER A 398 -14.66 0.23 20.85
CA SER A 398 -15.65 -0.49 21.65
C SER A 398 -17.00 -0.31 20.98
N PHE A 399 -17.93 -1.20 21.32
CA PHE A 399 -19.24 -1.19 20.70
C PHE A 399 -20.20 -1.96 21.59
N ASP A 400 -21.48 -1.87 21.26
CA ASP A 400 -22.54 -2.54 22.02
C ASP A 400 -22.46 -4.05 21.84
#